data_3FDZ
#
_entry.id   3FDZ
#
_cell.length_a   44.390
_cell.length_b   48.480
_cell.length_c   62.090
_cell.angle_alpha   106.03
_cell.angle_beta   91.54
_cell.angle_gamma   107.50
#
_symmetry.space_group_name_H-M   'P 1'
#
loop_
_entity.id
_entity.type
_entity.pdbx_description
1 polymer '2,3-bisphosphoglycerate-dependent phosphoglycerate mutase'
2 polymer '2,3-bisphosphoglycerate-dependent phosphoglycerate mutase'
3 non-polymer '(2R)-2,3-diphosphoglyceric acid'
4 non-polymer DI(HYDROXYETHYL)ETHER
5 non-polymer '3-PHOSPHOGLYCERIC ACID'
6 water water
#
loop_
_entity_poly.entity_id
_entity_poly.type
_entity_poly.pdbx_seq_one_letter_code
_entity_poly.pdbx_strand_id
1 'polypeptide(L)'
;MAHHHHHHMYKLVLIRHGESTWNKENRFTGWVDVDLTEQGNREARQAGQLLKEAGYTFDIAYTSVLKRAIRTLWHVQDQM
DLMYVPVVHSWRLNERHYGALSGLNKAETAAKYGDEQVLVWRRSYDTPPPALEPGDERAPYADPRYAKVPREQLPLTECL
KDTVARVLPLWNESIAPAVKAGKQVLIAAHGNSLRALIKYLDGISDADIVGLNIPNGVPLVYELDESLTPIRHYYLGDQE
AIAKAQAAVAQQGKSAA
;
A
2 'polypeptide(L)'
;MAHHHHHHMYKLVLIR(NEP)GESTWNKENRFTGWVDVDLTEQGNREARQAGQLLKEAGYTFDIAYTSVLKRAIRTLWHV
QDQMDLMYVPVVHSWRLNERHYGALSGLNKAETAAKYGDEQVLVWRRSYDTPPPALEPGDERAPYADPRYAKVPREQLPL
TECLKDTVARVLPLWNESIAPAVKAGKQVLIAAHGNSLRALIKYLDGISDADIVGLNIPNGVPLVYELDESLTPIRHYYL
GDQEAIAKAQAAVAQQGKSAA
;
B
#
loop_
_chem_comp.id
_chem_comp.type
_chem_comp.name
_chem_comp.formula
3PG non-polymer '3-PHOSPHOGLYCERIC ACID' 'C3 H7 O7 P'
DG2 non-polymer '(2R)-2,3-diphosphoglyceric acid' 'C3 H8 O10 P2'
PEG non-polymer DI(HYDROXYETHYL)ETHER 'C4 H10 O3'
#
# COMPACT_ATOMS: atom_id res chain seq x y z
N MET A 9 11.31 21.25 -14.48
CA MET A 9 12.31 20.31 -13.86
C MET A 9 11.62 19.39 -12.85
N TYR A 10 12.01 18.13 -12.84
CA TYR A 10 11.38 17.14 -11.98
C TYR A 10 12.41 16.31 -11.27
N LYS A 11 12.00 15.73 -10.14
CA LYS A 11 12.82 14.75 -9.48
C LYS A 11 12.06 13.42 -9.43
N LEU A 12 12.80 12.33 -9.59
CA LEU A 12 12.21 11.00 -9.60
C LEU A 12 13.17 10.22 -8.73
N VAL A 13 12.63 9.53 -7.74
CA VAL A 13 13.47 8.73 -6.86
C VAL A 13 13.22 7.25 -7.10
N LEU A 14 14.32 6.54 -7.16
CA LEU A 14 14.32 5.15 -7.48
C LEU A 14 14.98 4.53 -6.30
N ILE A 15 14.59 3.30 -5.98
CA ILE A 15 15.21 2.62 -4.89
C ILE A 15 15.02 1.15 -5.16
N ARG A 16 16.10 0.39 -5.01
CA ARG A 16 16.00 -1.04 -5.12
C ARG A 16 15.56 -1.55 -3.75
N HIS A 17 14.79 -2.62 -3.71
CA HIS A 17 14.32 -3.15 -2.45
C HIS A 17 15.52 -3.46 -1.54
N GLY A 18 15.30 -3.42 -0.24
CA GLY A 18 16.35 -3.75 0.71
C GLY A 18 16.83 -5.18 0.49
N GLU A 19 17.84 -5.59 1.23
CA GLU A 19 18.33 -6.96 1.11
C GLU A 19 17.21 -7.96 1.23
N SER A 20 17.18 -8.92 0.31
CA SER A 20 16.21 -10.03 0.39
C SER A 20 16.87 -11.31 0.88
N THR A 21 16.05 -12.27 1.29
CA THR A 21 16.56 -13.57 1.71
C THR A 21 17.53 -14.15 0.67
N TRP A 22 17.19 -14.00 -0.60
CA TRP A 22 17.96 -14.65 -1.64
C TRP A 22 19.12 -13.79 -2.09
N ASN A 23 19.04 -12.47 -1.94
CA ASN A 23 20.25 -11.61 -2.01
C ASN A 23 21.33 -12.13 -1.03
N LYS A 24 20.95 -12.32 0.22
CA LYS A 24 21.86 -12.86 1.22
C LYS A 24 22.27 -14.30 0.93
N GLU A 25 21.36 -15.11 0.39
CA GLU A 25 21.73 -16.48 0.03
C GLU A 25 22.36 -16.59 -1.35
N ASN A 26 22.59 -15.45 -2.00
CA ASN A 26 23.30 -15.43 -3.29
C ASN A 26 22.58 -16.30 -4.35
N ARG A 27 21.26 -16.17 -4.39
CA ARG A 27 20.39 -16.96 -5.27
C ARG A 27 19.71 -16.09 -6.30
N PHE A 28 19.79 -16.48 -7.57
CA PHE A 28 19.02 -15.82 -8.60
C PHE A 28 17.57 -15.81 -8.11
N THR A 29 16.94 -14.63 -8.06
CA THR A 29 15.57 -14.54 -7.59
C THR A 29 14.54 -14.44 -8.70
N GLY A 30 14.66 -13.42 -9.53
CA GLY A 30 13.70 -13.18 -10.58
C GLY A 30 12.31 -12.90 -10.05
N TRP A 31 11.33 -13.65 -10.57
CA TRP A 31 9.96 -13.44 -10.14
C TRP A 31 9.55 -14.21 -8.88
N VAL A 32 10.45 -15.06 -8.35
CA VAL A 32 10.24 -15.67 -7.02
C VAL A 32 10.03 -14.61 -5.96
N ASP A 33 8.98 -14.77 -5.16
CA ASP A 33 8.48 -13.64 -4.37
C ASP A 33 9.03 -13.64 -2.95
N VAL A 34 10.36 -13.72 -2.84
CA VAL A 34 11.01 -13.83 -1.54
C VAL A 34 10.88 -12.54 -0.75
N ASP A 35 11.04 -12.63 0.55
CA ASP A 35 10.85 -11.45 1.42
C ASP A 35 12.19 -10.81 1.79
N LEU A 36 12.10 -9.65 2.46
CA LEU A 36 13.27 -8.97 2.98
C LEU A 36 13.86 -9.71 4.19
N THR A 37 15.18 -9.71 4.32
CA THR A 37 15.81 -10.12 5.58
C THR A 37 15.62 -8.96 6.55
N GLU A 38 16.08 -9.13 7.78
CA GLU A 38 16.00 -8.05 8.76
C GLU A 38 16.91 -6.89 8.33
N GLN A 39 18.08 -7.22 7.77
CA GLN A 39 18.97 -6.24 7.18
C GLN A 39 18.21 -5.44 6.12
N GLY A 40 17.44 -6.13 5.29
CA GLY A 40 16.69 -5.49 4.21
C GLY A 40 15.63 -4.56 4.76
N ASN A 41 14.97 -5.00 5.82
CA ASN A 41 14.00 -4.15 6.49
C ASN A 41 14.64 -2.88 6.99
N ARG A 42 15.85 -3.01 7.54
CA ARG A 42 16.55 -1.85 8.06
C ARG A 42 17.05 -0.92 6.94
N GLU A 43 17.52 -1.48 5.84
CA GLU A 43 17.91 -0.65 4.71
C GLU A 43 16.71 0.16 4.23
N ALA A 44 15.57 -0.51 4.11
CA ALA A 44 14.36 0.14 3.67
C ALA A 44 13.99 1.28 4.64
N ARG A 45 14.03 0.99 5.93
CA ARG A 45 13.76 1.99 6.95
C ARG A 45 14.74 3.16 6.81
N GLN A 46 16.03 2.86 6.67
CA GLN A 46 17.04 3.89 6.65
C GLN A 46 16.86 4.78 5.44
N ALA A 47 16.57 4.18 4.30
CA ALA A 47 16.28 4.94 3.10
C ALA A 47 15.12 5.92 3.31
N GLY A 48 14.08 5.45 4.00
CA GLY A 48 12.96 6.32 4.36
C GLY A 48 13.40 7.51 5.19
N GLN A 49 14.15 7.25 6.24
CA GLN A 49 14.66 8.28 7.11
C GLN A 49 15.51 9.26 6.34
N LEU A 50 16.39 8.72 5.52
CA LEU A 50 17.24 9.51 4.66
C LEU A 50 16.39 10.41 3.76
N LEU A 51 15.35 9.88 3.14
CA LEU A 51 14.51 10.76 2.31
C LEU A 51 13.76 11.79 3.13
N LYS A 52 13.26 11.36 4.31
CA LYS A 52 12.55 12.25 5.24
C LYS A 52 13.44 13.40 5.73
N GLU A 53 14.68 13.07 6.07
CA GLU A 53 15.69 14.06 6.48
C GLU A 53 16.09 14.97 5.32
N ALA A 54 16.24 14.40 4.12
CA ALA A 54 16.50 15.23 2.96
C ALA A 54 15.28 16.15 2.60
N GLY A 55 14.14 15.97 3.29
CA GLY A 55 12.94 16.78 3.03
C GLY A 55 12.16 16.30 1.82
N TYR A 56 12.48 15.10 1.34
CA TYR A 56 11.83 14.55 0.17
C TYR A 56 10.43 14.13 0.55
N THR A 57 9.49 14.32 -0.37
CA THR A 57 8.20 13.71 -0.19
C THR A 57 7.70 13.19 -1.53
N PHE A 58 6.63 12.41 -1.47
CA PHE A 58 6.09 11.74 -2.61
C PHE A 58 4.59 11.89 -2.64
N ASP A 59 4.04 11.93 -3.84
CA ASP A 59 2.60 12.01 -4.02
C ASP A 59 2.03 10.64 -4.40
N ILE A 60 2.89 9.83 -5.02
CA ILE A 60 2.52 8.57 -5.60
C ILE A 60 3.77 7.68 -5.60
N ALA A 61 3.57 6.38 -5.46
CA ALA A 61 4.69 5.48 -5.57
C ALA A 61 4.38 4.35 -6.54
N TYR A 62 5.40 3.83 -7.20
CA TYR A 62 5.23 2.74 -8.09
C TYR A 62 6.06 1.62 -7.55
N THR A 63 5.53 0.42 -7.64
CA THR A 63 6.29 -0.74 -7.25
C THR A 63 5.88 -1.98 -8.06
N SER A 64 6.53 -3.11 -7.79
CA SER A 64 6.27 -4.36 -8.50
C SER A 64 5.20 -5.12 -7.74
N VAL A 65 5.00 -6.40 -8.05
CA VAL A 65 4.02 -7.19 -7.30
C VAL A 65 4.75 -8.12 -6.33
N LEU A 66 6.03 -7.83 -6.14
CA LEU A 66 6.90 -8.69 -5.38
C LEU A 66 7.12 -8.03 -4.03
N LYS A 67 6.88 -8.80 -2.96
CA LYS A 67 6.81 -8.27 -1.63
C LYS A 67 8.10 -7.62 -1.17
N ARG A 68 9.23 -8.01 -1.77
CA ARG A 68 10.49 -7.48 -1.31
C ARG A 68 10.59 -6.05 -1.72
N ALA A 69 10.00 -5.73 -2.86
CA ALA A 69 9.93 -4.34 -3.33
C ALA A 69 8.85 -3.56 -2.55
N ILE A 70 7.70 -4.20 -2.40
CA ILE A 70 6.54 -3.59 -1.73
C ILE A 70 6.85 -3.34 -0.24
N ARG A 71 7.47 -4.29 0.44
CA ARG A 71 7.81 -4.06 1.85
C ARG A 71 8.80 -2.91 2.02
N THR A 72 9.79 -2.83 1.12
CA THR A 72 10.69 -1.71 1.11
C THR A 72 9.89 -0.42 1.04
N LEU A 73 9.00 -0.34 0.05
CA LEU A 73 8.11 0.80 -0.09
C LEU A 73 7.39 1.10 1.25
N TRP A 74 6.85 0.07 1.87
CA TRP A 74 6.13 0.22 3.12
C TRP A 74 6.98 0.87 4.19
N HIS A 75 8.19 0.34 4.35
CA HIS A 75 9.14 0.88 5.31
C HIS A 75 9.45 2.33 4.99
N VAL A 76 9.64 2.61 3.70
CA VAL A 76 9.88 3.99 3.27
C VAL A 76 8.65 4.85 3.64
N GLN A 77 7.45 4.44 3.20
CA GLN A 77 6.24 5.20 3.51
C GLN A 77 6.06 5.38 5.01
N ASP A 78 6.24 4.30 5.76
CA ASP A 78 6.20 4.34 7.21
C ASP A 78 7.11 5.41 7.78
N GLN A 79 8.42 5.32 7.53
CA GLN A 79 9.39 6.31 8.01
C GLN A 79 9.11 7.73 7.52
N MET A 80 8.43 7.89 6.39
CA MET A 80 8.25 9.23 5.82
C MET A 80 6.87 9.80 6.16
N ASP A 81 6.10 8.97 6.84
CA ASP A 81 4.72 9.25 7.16
C ASP A 81 3.94 9.52 5.87
N LEU A 82 4.09 8.59 4.91
CA LEU A 82 3.34 8.65 3.67
C LEU A 82 2.68 7.30 3.41
N MET A 83 2.06 6.72 4.42
CA MET A 83 1.37 5.43 4.25
C MET A 83 0.06 5.52 3.48
N TYR A 84 -0.40 6.76 3.29
CA TYR A 84 -1.68 7.07 2.64
C TYR A 84 -1.56 7.32 1.14
N VAL A 85 -0.34 7.40 0.60
CA VAL A 85 -0.22 7.80 -0.83
C VAL A 85 -0.65 6.68 -1.75
N PRO A 86 -1.15 7.04 -2.96
CA PRO A 86 -1.46 6.00 -3.94
C PRO A 86 -0.20 5.23 -4.31
N VAL A 87 -0.32 3.92 -4.35
CA VAL A 87 0.73 3.06 -4.78
C VAL A 87 0.22 2.25 -5.94
N VAL A 88 0.91 2.31 -7.06
CA VAL A 88 0.64 1.45 -8.18
C VAL A 88 1.63 0.30 -8.09
N HIS A 89 1.11 -0.89 -7.82
CA HIS A 89 1.87 -2.13 -7.91
C HIS A 89 1.69 -2.73 -9.30
N SER A 90 2.78 -2.80 -10.06
CA SER A 90 2.70 -3.33 -11.38
C SER A 90 3.72 -4.45 -11.61
N TRP A 91 3.24 -5.56 -12.15
CA TRP A 91 4.10 -6.63 -12.63
C TRP A 91 5.16 -6.09 -13.61
N ARG A 92 4.84 -4.98 -14.27
CA ARG A 92 5.78 -4.41 -15.24
C ARG A 92 7.09 -3.95 -14.61
N LEU A 93 7.09 -3.80 -13.28
CA LEU A 93 8.25 -3.39 -12.52
C LEU A 93 8.91 -4.57 -11.88
N ASN A 94 8.39 -5.78 -12.12
CA ASN A 94 8.99 -6.95 -11.51
C ASN A 94 10.48 -7.02 -11.80
N GLU A 95 11.25 -7.65 -10.91
CA GLU A 95 12.58 -8.05 -11.26
C GLU A 95 12.54 -8.84 -12.57
N ARG A 96 13.56 -8.64 -13.38
CA ARG A 96 13.81 -9.45 -14.55
C ARG A 96 13.64 -10.93 -14.17
N HIS A 97 12.93 -11.66 -15.00
CA HIS A 97 12.66 -13.09 -14.80
C HIS A 97 13.91 -13.88 -15.03
N TYR A 98 14.24 -14.74 -14.08
CA TYR A 98 15.51 -15.45 -14.12
C TYR A 98 15.45 -16.87 -14.69
N GLY A 99 14.26 -17.30 -15.09
CA GLY A 99 14.03 -18.60 -15.71
C GLY A 99 14.41 -19.77 -14.83
N ALA A 100 15.09 -20.74 -15.41
CA ALA A 100 15.44 -21.96 -14.71
C ALA A 100 16.57 -21.72 -13.72
N LEU A 101 17.05 -20.48 -13.67
CA LEU A 101 18.11 -20.16 -12.74
C LEU A 101 17.55 -19.77 -11.38
N SER A 102 16.26 -19.45 -11.34
CA SER A 102 15.66 -18.89 -10.15
C SER A 102 15.80 -19.87 -9.01
N GLY A 103 16.17 -19.36 -7.86
CA GLY A 103 16.39 -20.23 -6.73
C GLY A 103 17.72 -20.95 -6.73
N LEU A 104 18.44 -20.95 -7.84
CA LEU A 104 19.81 -21.50 -7.86
C LEU A 104 20.84 -20.53 -7.24
N ASN A 105 21.81 -21.09 -6.50
CA ASN A 105 22.94 -20.33 -5.93
C ASN A 105 23.85 -19.86 -7.06
N LYS A 106 24.19 -18.57 -7.09
CA LYS A 106 24.93 -18.00 -8.23
C LYS A 106 26.35 -18.53 -8.34
N ALA A 107 26.96 -18.76 -7.18
CA ALA A 107 28.33 -19.27 -7.08
C ALA A 107 28.43 -20.72 -7.56
N GLU A 108 27.56 -21.60 -7.08
CA GLU A 108 27.52 -22.97 -7.59
C GLU A 108 27.18 -23.05 -9.07
N THR A 109 26.26 -22.20 -9.51
CA THR A 109 25.92 -22.07 -10.92
C THR A 109 27.13 -21.69 -11.77
N ALA A 110 27.92 -20.71 -11.30
CA ALA A 110 29.20 -20.31 -11.92
C ALA A 110 30.21 -21.47 -11.99
N ALA A 111 30.42 -22.08 -10.81
CA ALA A 111 31.20 -23.30 -10.63
C ALA A 111 30.79 -24.42 -11.58
N LYS A 112 29.60 -24.35 -12.15
CA LYS A 112 29.11 -25.44 -12.97
C LYS A 112 29.13 -25.10 -14.45
N TYR A 113 28.74 -23.88 -14.77
CA TYR A 113 28.58 -23.44 -16.16
C TYR A 113 29.62 -22.40 -16.58
N GLY A 114 30.46 -21.99 -15.64
CA GLY A 114 31.50 -21.02 -15.95
C GLY A 114 31.11 -19.59 -15.62
N ASP A 115 32.10 -18.81 -15.18
CA ASP A 115 31.91 -17.40 -14.90
C ASP A 115 31.37 -16.65 -16.11
N GLU A 116 31.94 -16.87 -17.29
CA GLU A 116 31.47 -16.20 -18.52
C GLU A 116 29.99 -16.43 -18.75
N GLN A 117 29.62 -17.72 -18.73
CA GLN A 117 28.26 -18.14 -18.96
C GLN A 117 27.36 -17.46 -17.93
N VAL A 118 27.73 -17.57 -16.66
CA VAL A 118 26.91 -16.96 -15.63
C VAL A 118 26.77 -15.45 -15.89
N LEU A 119 27.89 -14.76 -16.11
CA LEU A 119 27.87 -13.33 -16.37
C LEU A 119 27.03 -13.00 -17.63
N VAL A 120 27.03 -13.85 -18.64
CA VAL A 120 26.15 -13.57 -19.79
C VAL A 120 24.68 -13.69 -19.40
N TRP A 121 24.34 -14.69 -18.58
CA TRP A 121 22.98 -14.80 -18.01
C TRP A 121 22.61 -13.61 -17.15
N ARG A 122 23.57 -13.14 -16.37
CA ARG A 122 23.29 -12.11 -15.37
C ARG A 122 23.28 -10.70 -15.94
N ARG A 123 24.14 -10.43 -16.93
CA ARG A 123 24.30 -9.06 -17.43
C ARG A 123 24.33 -8.84 -18.95
N SER A 124 24.39 -9.91 -19.73
CA SER A 124 24.09 -9.76 -21.15
C SER A 124 22.73 -9.10 -21.31
N TYR A 125 22.69 -8.01 -22.07
CA TYR A 125 21.46 -7.32 -22.35
C TYR A 125 20.44 -8.16 -23.11
N ASP A 126 20.88 -9.06 -23.99
CA ASP A 126 19.91 -9.64 -24.93
C ASP A 126 19.82 -11.16 -24.93
N THR A 127 20.59 -11.82 -24.06
CA THR A 127 20.46 -13.27 -24.00
C THR A 127 19.88 -13.73 -22.68
N PRO A 128 18.74 -14.43 -22.74
CA PRO A 128 18.04 -14.75 -21.53
C PRO A 128 18.68 -15.93 -20.86
N PRO A 129 18.54 -16.05 -19.54
CA PRO A 129 18.87 -17.30 -18.90
C PRO A 129 18.01 -18.43 -19.48
N PRO A 130 18.39 -19.70 -19.19
CA PRO A 130 17.51 -20.77 -19.71
C PRO A 130 16.13 -20.66 -19.06
N ALA A 131 15.10 -20.85 -19.87
CA ALA A 131 13.69 -20.75 -19.47
C ALA A 131 13.21 -21.76 -18.44
N LEU A 132 12.23 -21.35 -17.67
CA LEU A 132 11.39 -22.32 -16.98
C LEU A 132 10.64 -23.17 -18.02
N GLU A 133 10.58 -24.48 -17.82
CA GLU A 133 9.51 -25.29 -18.42
C GLU A 133 8.12 -24.64 -18.20
N PRO A 134 7.22 -24.75 -19.20
CA PRO A 134 5.91 -24.14 -18.99
C PRO A 134 5.18 -24.81 -17.83
N GLY A 135 5.46 -26.08 -17.57
CA GLY A 135 4.86 -26.75 -16.43
C GLY A 135 5.53 -26.51 -15.08
N ASP A 136 6.54 -25.65 -15.02
CA ASP A 136 7.30 -25.48 -13.78
C ASP A 136 6.43 -24.87 -12.68
N GLU A 137 6.69 -25.26 -11.42
CA GLU A 137 5.89 -24.75 -10.30
C GLU A 137 5.98 -23.22 -10.31
N ARG A 138 7.19 -22.73 -10.59
CA ARG A 138 7.52 -21.32 -10.59
C ARG A 138 7.01 -20.50 -11.79
N ALA A 139 6.43 -21.15 -12.80
CA ALA A 139 5.92 -20.43 -13.94
C ALA A 139 4.82 -19.46 -13.45
N PRO A 140 4.55 -18.37 -14.19
CA PRO A 140 3.69 -17.34 -13.59
C PRO A 140 2.18 -17.57 -13.76
N TYR A 141 1.81 -18.49 -14.63
CA TYR A 141 0.48 -18.53 -15.21
C TYR A 141 -0.67 -18.63 -14.24
N ALA A 142 -0.53 -19.42 -13.19
CA ALA A 142 -1.61 -19.58 -12.21
C ALA A 142 -1.56 -18.52 -11.14
N ASP A 143 -0.67 -17.55 -11.26
CA ASP A 143 -0.42 -16.63 -10.14
C ASP A 143 -1.45 -15.51 -10.21
N PRO A 144 -2.19 -15.28 -9.12
CA PRO A 144 -3.22 -14.24 -9.14
C PRO A 144 -2.64 -12.88 -9.47
N ARG A 145 -1.39 -12.65 -9.07
CA ARG A 145 -0.67 -11.45 -9.44
C ARG A 145 -0.74 -11.19 -10.93
N TYR A 146 -0.77 -12.25 -11.74
CA TYR A 146 -0.66 -12.07 -13.18
C TYR A 146 -1.93 -12.48 -13.91
N ALA A 147 -2.95 -12.84 -13.13
CA ALA A 147 -4.24 -13.30 -13.68
C ALA A 147 -4.79 -12.48 -14.85
N LYS A 148 -4.61 -11.16 -14.84
CA LYS A 148 -5.15 -10.33 -15.92
C LYS A 148 -4.09 -9.99 -16.97
N VAL A 149 -2.90 -10.57 -16.85
CA VAL A 149 -1.89 -10.38 -17.91
C VAL A 149 -2.05 -11.47 -18.97
N PRO A 150 -2.08 -11.09 -20.26
CA PRO A 150 -2.20 -12.15 -21.29
C PRO A 150 -1.07 -13.17 -21.15
N ARG A 151 -1.41 -14.46 -21.23
CA ARG A 151 -0.43 -15.54 -21.05
C ARG A 151 0.84 -15.31 -21.88
N GLU A 152 0.66 -14.82 -23.10
CA GLU A 152 1.77 -14.70 -24.02
C GLU A 152 2.73 -13.63 -23.57
N GLN A 153 2.25 -12.73 -22.74
CA GLN A 153 3.11 -11.65 -22.27
C GLN A 153 3.87 -12.00 -21.00
N LEU A 154 3.59 -13.19 -20.45
CA LEU A 154 4.24 -13.66 -19.23
C LEU A 154 5.53 -14.44 -19.52
N PRO A 155 6.63 -14.02 -18.90
CA PRO A 155 7.92 -14.61 -19.24
C PRO A 155 8.16 -15.94 -18.54
N LEU A 156 8.92 -16.81 -19.21
CA LEU A 156 9.48 -18.02 -18.58
C LEU A 156 10.97 -17.77 -18.33
N THR A 157 11.45 -16.65 -18.86
CA THR A 157 12.82 -16.14 -18.65
C THR A 157 12.90 -14.74 -19.26
N GLU A 158 13.88 -13.94 -18.83
CA GLU A 158 14.08 -12.61 -19.42
C GLU A 158 15.56 -12.24 -19.46
N CYS A 159 15.97 -11.66 -20.57
CA CYS A 159 17.19 -10.88 -20.57
C CYS A 159 16.77 -9.44 -20.36
N LEU A 160 17.73 -8.57 -20.12
CA LEU A 160 17.39 -7.18 -19.83
C LEU A 160 16.58 -6.50 -20.92
N LYS A 161 16.81 -6.87 -22.18
CA LYS A 161 16.07 -6.29 -23.29
C LYS A 161 14.57 -6.55 -23.10
N ASP A 162 14.19 -7.78 -22.71
CA ASP A 162 12.81 -8.11 -22.35
C ASP A 162 12.37 -7.26 -21.19
N THR A 163 13.23 -7.07 -20.19
CA THR A 163 12.84 -6.29 -19.04
C THR A 163 12.53 -4.84 -19.43
N VAL A 164 13.37 -4.26 -20.27
CA VAL A 164 13.14 -2.93 -20.77
C VAL A 164 11.77 -2.88 -21.42
N ALA A 165 11.56 -3.76 -22.40
CA ALA A 165 10.31 -3.76 -23.13
C ALA A 165 9.14 -3.90 -22.15
N ARG A 166 9.30 -4.72 -21.13
CA ARG A 166 8.24 -4.96 -20.15
C ARG A 166 7.95 -3.70 -19.31
N VAL A 167 9.02 -2.98 -18.96
CA VAL A 167 8.95 -1.78 -18.12
C VAL A 167 8.34 -0.57 -18.87
N LEU A 168 8.86 -0.32 -20.06
CA LEU A 168 8.50 0.89 -20.81
C LEU A 168 7.02 1.27 -20.86
N PRO A 169 6.11 0.28 -21.07
CA PRO A 169 4.70 0.62 -21.09
C PRO A 169 4.19 1.28 -19.81
N LEU A 170 4.55 0.75 -18.64
CA LEU A 170 4.25 1.44 -17.39
C LEU A 170 4.87 2.86 -17.37
N TRP A 171 6.12 2.99 -17.81
CA TRP A 171 6.71 4.31 -17.84
C TRP A 171 5.87 5.28 -18.70
N ASN A 172 5.59 4.87 -19.94
CA ASN A 172 4.94 5.74 -20.91
C ASN A 172 3.48 6.02 -20.57
N GLU A 173 2.79 4.98 -20.10
CA GLU A 173 1.35 5.06 -19.93
C GLU A 173 1.02 5.66 -18.58
N SER A 174 1.98 5.64 -17.66
CA SER A 174 1.64 5.98 -16.31
C SER A 174 2.65 6.85 -15.58
N ILE A 175 3.89 6.39 -15.43
CA ILE A 175 4.83 7.12 -14.59
C ILE A 175 5.23 8.46 -15.22
N ALA A 176 5.53 8.48 -16.51
CA ALA A 176 5.90 9.73 -17.18
C ALA A 176 4.78 10.77 -17.09
N PRO A 177 3.51 10.37 -17.35
CA PRO A 177 2.37 11.27 -17.11
C PRO A 177 2.26 11.78 -15.68
N ALA A 178 2.48 10.92 -14.68
CA ALA A 178 2.56 11.36 -13.27
C ALA A 178 3.63 12.44 -13.09
N VAL A 179 4.82 12.21 -13.61
CA VAL A 179 5.89 13.16 -13.44
C VAL A 179 5.51 14.47 -14.11
N LYS A 180 5.06 14.40 -15.36
CA LYS A 180 4.60 15.59 -16.08
C LYS A 180 3.46 16.26 -15.35
N ALA A 181 2.63 15.47 -14.70
CA ALA A 181 1.49 15.97 -13.97
C ALA A 181 1.94 16.72 -12.75
N GLY A 182 3.22 16.58 -12.40
CA GLY A 182 3.78 17.32 -11.27
C GLY A 182 3.80 16.48 -10.00
N LYS A 183 3.36 15.22 -10.13
CA LYS A 183 3.42 14.27 -9.02
C LYS A 183 4.89 13.98 -8.68
N GLN A 184 5.15 13.85 -7.39
CA GLN A 184 6.46 13.46 -6.90
C GLN A 184 6.43 11.96 -6.65
N VAL A 185 7.19 11.27 -7.50
CA VAL A 185 7.09 9.84 -7.71
C VAL A 185 8.26 9.12 -7.07
N LEU A 186 7.95 8.07 -6.33
CA LEU A 186 8.95 7.14 -5.89
C LEU A 186 8.70 5.83 -6.63
N ILE A 187 9.76 5.21 -7.14
CA ILE A 187 9.66 3.89 -7.72
C ILE A 187 10.51 2.98 -6.82
N ALA A 188 9.88 1.94 -6.29
CA ALA A 188 10.56 0.97 -5.45
C ALA A 188 10.53 -0.36 -6.16
N ALA A 189 11.65 -0.79 -6.67
CA ALA A 189 11.64 -1.97 -7.53
C ALA A 189 12.87 -2.80 -7.30
N HIS A 190 13.45 -3.28 -8.40
CA HIS A 190 14.46 -4.31 -8.30
C HIS A 190 15.73 -3.92 -9.08
N GLY A 191 16.82 -4.62 -8.80
CA GLY A 191 18.11 -4.34 -9.44
C GLY A 191 17.97 -4.26 -10.95
N ASN A 192 17.50 -5.34 -11.56
CA ASN A 192 17.46 -5.42 -13.01
C ASN A 192 16.33 -4.59 -13.65
N SER A 193 15.19 -4.50 -12.97
CA SER A 193 14.11 -3.70 -13.53
C SER A 193 14.43 -2.21 -13.51
N LEU A 194 15.23 -1.79 -12.54
CA LEU A 194 15.74 -0.42 -12.47
C LEU A 194 16.91 -0.25 -13.43
N ARG A 195 17.76 -1.27 -13.57
CA ARG A 195 18.83 -1.21 -14.57
C ARG A 195 18.19 -0.94 -15.92
N ALA A 196 17.09 -1.64 -16.17
CA ALA A 196 16.33 -1.52 -17.41
C ALA A 196 15.75 -0.13 -17.59
N LEU A 197 15.12 0.43 -16.53
CA LEU A 197 14.52 1.77 -16.62
C LEU A 197 15.59 2.84 -16.86
N ILE A 198 16.67 2.76 -16.08
CA ILE A 198 17.84 3.64 -16.18
C ILE A 198 18.46 3.56 -17.60
N LYS A 199 18.59 2.35 -18.14
CA LYS A 199 19.08 2.19 -19.52
C LYS A 199 18.27 3.08 -20.42
N TYR A 200 16.96 3.06 -20.25
CA TYR A 200 16.13 3.85 -21.13
C TYR A 200 16.35 5.34 -20.87
N LEU A 201 16.24 5.71 -19.59
CA LEU A 201 16.30 7.08 -19.14
C LEU A 201 17.59 7.79 -19.54
N ASP A 202 18.71 7.15 -19.24
CA ASP A 202 20.03 7.72 -19.47
C ASP A 202 20.52 7.39 -20.89
N GLY A 203 19.79 6.52 -21.59
CA GLY A 203 20.12 6.19 -22.97
C GLY A 203 21.46 5.49 -22.99
N ILE A 204 21.62 4.56 -22.06
CA ILE A 204 22.88 3.82 -21.91
C ILE A 204 22.91 2.76 -23.01
N SER A 205 24.09 2.51 -23.57
CA SER A 205 24.21 1.51 -24.64
C SER A 205 24.01 0.09 -24.11
N ASP A 206 23.76 -0.85 -25.03
CA ASP A 206 23.69 -2.27 -24.66
C ASP A 206 24.96 -2.71 -23.93
N ALA A 207 26.11 -2.26 -24.43
CA ALA A 207 27.41 -2.59 -23.86
C ALA A 207 27.61 -1.99 -22.49
N ASP A 208 27.20 -0.73 -22.35
CA ASP A 208 27.46 0.00 -21.11
C ASP A 208 26.56 -0.41 -19.96
N ILE A 209 25.37 -0.90 -20.26
CA ILE A 209 24.43 -1.19 -19.19
C ILE A 209 24.97 -2.34 -18.37
N VAL A 210 25.86 -3.11 -18.98
CA VAL A 210 26.41 -4.35 -18.43
C VAL A 210 26.98 -4.14 -17.06
N GLY A 211 27.71 -3.03 -16.88
CA GLY A 211 28.43 -2.77 -15.62
C GLY A 211 27.56 -2.11 -14.56
N LEU A 212 26.41 -1.56 -14.96
CA LEU A 212 25.59 -0.84 -13.99
C LEU A 212 25.04 -1.77 -12.93
N ASN A 213 25.44 -1.55 -11.67
CA ASN A 213 24.83 -2.27 -10.56
C ASN A 213 24.16 -1.29 -9.61
N ILE A 214 23.01 -1.67 -9.08
CA ILE A 214 22.23 -0.82 -8.19
C ILE A 214 22.14 -1.53 -6.85
N PRO A 215 22.65 -0.87 -5.80
CA PRO A 215 22.65 -1.36 -4.42
C PRO A 215 21.25 -1.45 -3.82
N ASN A 216 21.08 -2.38 -2.89
CA ASN A 216 19.87 -2.49 -2.10
C ASN A 216 19.59 -1.23 -1.31
N GLY A 217 18.37 -0.72 -1.42
CA GLY A 217 17.87 0.23 -0.42
C GLY A 217 18.51 1.60 -0.36
N VAL A 218 19.00 2.08 -1.50
CA VAL A 218 19.64 3.40 -1.59
C VAL A 218 18.86 4.26 -2.58
N PRO A 219 18.38 5.44 -2.13
CA PRO A 219 17.55 6.24 -3.01
C PRO A 219 18.40 6.80 -4.11
N LEU A 220 17.94 6.63 -5.34
CA LEU A 220 18.64 7.16 -6.45
C LEU A 220 17.75 8.21 -7.08
N VAL A 221 18.21 9.45 -6.98
CA VAL A 221 17.46 10.61 -7.41
C VAL A 221 17.82 10.98 -8.86
N TYR A 222 16.82 11.06 -9.74
CA TYR A 222 16.99 11.58 -11.09
C TYR A 222 16.37 12.95 -11.10
N GLU A 223 17.11 13.90 -11.67
CA GLU A 223 16.57 15.19 -11.97
C GLU A 223 16.34 15.19 -13.48
N LEU A 224 15.10 15.50 -13.85
CA LEU A 224 14.63 15.39 -15.21
C LEU A 224 14.32 16.79 -15.69
N ASP A 225 14.68 17.08 -16.94
CA ASP A 225 14.27 18.34 -17.55
C ASP A 225 12.81 18.27 -18.00
N GLU A 226 12.33 19.30 -18.66
CA GLU A 226 10.95 19.33 -19.17
C GLU A 226 10.55 18.14 -20.05
N SER A 227 11.53 17.51 -20.72
CA SER A 227 11.23 16.46 -21.67
C SER A 227 11.49 15.08 -21.08
N LEU A 228 11.64 15.08 -19.75
CA LEU A 228 11.91 13.90 -18.95
C LEU A 228 13.30 13.33 -19.27
N THR A 229 14.20 14.19 -19.71
CA THR A 229 15.56 13.78 -20.00
C THR A 229 16.35 13.97 -18.73
N PRO A 230 17.04 12.91 -18.27
CA PRO A 230 17.92 13.10 -17.10
C PRO A 230 18.88 14.27 -17.30
N ILE A 231 18.94 15.16 -16.30
CA ILE A 231 19.96 16.17 -16.22
C ILE A 231 21.09 15.64 -15.33
N ARG A 232 20.73 15.07 -14.18
CA ARG A 232 21.70 14.42 -13.30
C ARG A 232 21.04 13.36 -12.42
N HIS A 233 21.84 12.51 -11.82
CA HIS A 233 21.34 11.57 -10.89
C HIS A 233 22.36 11.40 -9.80
N TYR A 234 21.91 11.12 -8.59
CA TYR A 234 22.81 10.85 -7.47
C TYR A 234 22.16 9.89 -6.50
N TYR A 235 22.95 9.04 -5.86
CA TYR A 235 22.45 8.30 -4.70
C TYR A 235 22.33 9.25 -3.52
N LEU A 236 21.42 8.94 -2.61
CA LEU A 236 21.36 9.65 -1.37
C LEU A 236 22.14 8.89 -0.30
N GLY A 237 22.82 9.64 0.56
CA GLY A 237 23.60 9.04 1.64
C GLY A 237 25.09 9.20 1.49
N ASP A 238 25.82 8.14 1.86
CA ASP A 238 27.25 8.20 2.20
C ASP A 238 28.16 8.82 1.11
N MET B 9 -24.77 -12.94 -5.34
CA MET B 9 -24.08 -13.12 -4.03
C MET B 9 -22.71 -12.45 -4.10
N TYR B 10 -22.48 -11.45 -3.26
CA TYR B 10 -21.17 -10.84 -3.11
C TYR B 10 -20.81 -10.86 -1.65
N LYS B 11 -19.53 -11.06 -1.38
CA LYS B 11 -18.97 -10.91 -0.05
C LYS B 11 -18.15 -9.63 0.02
N LEU B 12 -18.23 -8.96 1.16
CA LEU B 12 -17.51 -7.73 1.37
C LEU B 12 -17.00 -7.87 2.78
N VAL B 13 -15.70 -7.67 2.99
CA VAL B 13 -15.19 -7.79 4.33
C VAL B 13 -14.84 -6.42 4.89
N LEU B 14 -15.33 -6.13 6.08
CA LEU B 14 -14.99 -4.91 6.78
C LEU B 14 -14.10 -5.34 7.92
N ILE B 15 -13.20 -4.47 8.32
CA ILE B 15 -12.43 -4.71 9.51
C ILE B 15 -12.03 -3.37 10.05
N ARG B 16 -12.23 -3.20 11.35
CA ARG B 16 -11.83 -1.98 12.01
C ARG B 16 -10.36 -2.13 12.37
N NEP B 17 -9.59 -1.04 12.26
CA NEP B 17 -8.18 -1.03 12.60
C NEP B 17 -7.93 -1.71 13.94
O NEP B 17 -8.80 -1.71 14.79
CB NEP B 17 -7.63 0.40 12.59
CG NEP B 17 -8.21 1.24 13.71
ND1 NEP B 17 -7.74 1.23 14.97
CD2 NEP B 17 -9.27 2.12 13.68
CE1 NEP B 17 -8.45 2.07 15.75
NE2 NEP B 17 -9.35 2.60 14.92
P NEP B 17 -10.55 3.76 15.50
O1P NEP B 17 -10.30 5.00 14.66
O2P NEP B 17 -11.83 3.01 15.15
O3P NEP B 17 -10.36 3.99 16.98
N GLY B 18 -6.77 -2.33 14.10
CA GLY B 18 -6.39 -2.87 15.40
C GLY B 18 -6.25 -1.79 16.48
N GLU B 19 -6.12 -2.23 17.73
CA GLU B 19 -6.01 -1.31 18.84
C GLU B 19 -4.96 -0.26 18.56
N SER B 20 -5.36 1.00 18.66
CA SER B 20 -4.46 2.09 18.44
C SER B 20 -3.95 2.53 19.81
N THR B 21 -2.95 3.40 19.84
CA THR B 21 -2.48 3.95 21.10
C THR B 21 -3.59 4.66 21.90
N TRP B 22 -4.38 5.49 21.22
CA TRP B 22 -5.41 6.31 21.84
C TRP B 22 -6.62 5.47 22.25
N ASN B 23 -6.85 4.36 21.56
CA ASN B 23 -7.79 3.34 22.03
C ASN B 23 -7.35 2.87 23.41
N LYS B 24 -6.07 2.46 23.50
CA LYS B 24 -5.50 1.93 24.73
C LYS B 24 -5.50 2.99 25.83
N GLU B 25 -5.15 4.21 25.48
CA GLU B 25 -5.14 5.34 26.43
C GLU B 25 -6.54 5.92 26.66
N ASN B 26 -7.55 5.28 26.07
CA ASN B 26 -8.94 5.73 26.18
C ASN B 26 -9.08 7.23 25.86
N ARG B 27 -8.51 7.61 24.71
CA ARG B 27 -8.60 8.96 24.17
C ARG B 27 -9.38 9.01 22.86
N PHE B 28 -10.25 10.01 22.74
CA PHE B 28 -10.98 10.30 21.50
C PHE B 28 -9.96 10.57 20.41
N THR B 29 -10.07 9.87 19.30
CA THR B 29 -9.07 9.96 18.24
C THR B 29 -9.51 10.81 17.05
N GLY B 30 -10.61 10.42 16.44
CA GLY B 30 -11.03 11.10 15.21
C GLY B 30 -9.91 11.14 14.15
N TRP B 31 -9.58 12.34 13.68
CA TRP B 31 -8.62 12.46 12.56
C TRP B 31 -7.15 12.48 12.95
N VAL B 32 -6.86 12.49 14.24
CA VAL B 32 -5.47 12.45 14.71
C VAL B 32 -4.87 11.10 14.31
N ASP B 33 -3.67 11.17 13.75
CA ASP B 33 -3.14 10.05 12.99
C ASP B 33 -2.28 9.11 13.82
N VAL B 34 -2.85 8.58 14.90
CA VAL B 34 -2.09 7.77 15.83
C VAL B 34 -1.91 6.33 15.32
N ASP B 35 -0.89 5.66 15.82
CA ASP B 35 -0.52 4.38 15.24
C ASP B 35 -1.10 3.23 16.07
N LEU B 36 -0.82 2.01 15.63
CA LEU B 36 -1.28 0.83 16.29
C LEU B 36 -0.41 0.57 17.50
N THR B 37 -0.99 0.08 18.59
CA THR B 37 -0.18 -0.56 19.63
C THR B 37 0.33 -1.92 19.12
N GLU B 38 1.23 -2.52 19.92
CA GLU B 38 1.72 -3.86 19.64
C GLU B 38 0.55 -4.82 19.60
N GLN B 39 -0.45 -4.56 20.45
CA GLN B 39 -1.61 -5.41 20.52
C GLN B 39 -2.41 -5.20 19.24
N GLY B 40 -2.49 -3.95 18.79
CA GLY B 40 -3.18 -3.60 17.55
C GLY B 40 -2.55 -4.31 16.37
N ASN B 41 -1.23 -4.36 16.36
CA ASN B 41 -0.48 -5.08 15.35
C ASN B 41 -0.78 -6.57 15.38
N ARG B 42 -0.89 -7.14 16.60
CA ARG B 42 -1.23 -8.56 16.76
C ARG B 42 -2.57 -8.84 16.13
N GLU B 43 -3.55 -8.01 16.49
CA GLU B 43 -4.94 -8.15 16.06
C GLU B 43 -5.07 -8.10 14.57
N ALA B 44 -4.35 -7.15 13.97
CA ALA B 44 -4.32 -6.99 12.53
C ALA B 44 -3.70 -8.23 11.89
N ARG B 45 -2.56 -8.64 12.40
CA ARG B 45 -1.90 -9.85 11.93
C ARG B 45 -2.80 -11.08 12.10
N GLN B 46 -3.46 -11.18 13.26
CA GLN B 46 -4.36 -12.30 13.53
C GLN B 46 -5.61 -12.30 12.64
N ALA B 47 -6.17 -11.12 12.40
CA ALA B 47 -7.24 -10.96 11.40
C ALA B 47 -6.84 -11.45 10.00
N GLY B 48 -5.66 -11.04 9.55
CA GLY B 48 -5.13 -11.47 8.26
C GLY B 48 -4.97 -12.99 8.22
N GLN B 49 -4.48 -13.53 9.32
CA GLN B 49 -4.29 -14.96 9.43
C GLN B 49 -5.63 -15.69 9.40
N LEU B 50 -6.59 -15.18 10.15
CA LEU B 50 -7.98 -15.62 10.07
C LEU B 50 -8.53 -15.65 8.66
N LEU B 51 -8.36 -14.54 7.96
CA LEU B 51 -8.85 -14.44 6.61
C LEU B 51 -8.15 -15.46 5.70
N LYS B 52 -6.83 -15.51 5.80
CA LYS B 52 -6.05 -16.45 5.02
C LYS B 52 -6.60 -17.84 5.22
N GLU B 53 -6.71 -18.25 6.48
CA GLU B 53 -7.11 -19.59 6.83
C GLU B 53 -8.52 -19.95 6.43
N ALA B 54 -9.41 -18.96 6.36
CA ALA B 54 -10.77 -19.21 5.94
C ALA B 54 -10.87 -19.19 4.41
N GLY B 55 -9.76 -18.85 3.75
CA GLY B 55 -9.60 -19.00 2.32
C GLY B 55 -10.08 -17.79 1.57
N TYR B 56 -10.17 -16.67 2.28
CA TYR B 56 -10.71 -15.46 1.72
C TYR B 56 -9.61 -14.85 0.90
N THR B 57 -9.96 -14.21 -0.20
CA THR B 57 -8.98 -13.40 -0.92
C THR B 57 -9.58 -12.05 -1.30
N PHE B 58 -8.74 -11.15 -1.80
CA PHE B 58 -9.15 -9.81 -2.16
C PHE B 58 -8.47 -9.38 -3.43
N ASP B 59 -9.21 -8.64 -4.24
CA ASP B 59 -8.66 -8.07 -5.46
C ASP B 59 -8.34 -6.59 -5.29
N ILE B 60 -8.94 -5.97 -4.26
CA ILE B 60 -8.79 -4.56 -3.99
C ILE B 60 -9.08 -4.34 -2.51
N ALA B 61 -8.45 -3.35 -1.92
CA ALA B 61 -8.82 -2.97 -0.57
C ALA B 61 -9.01 -1.45 -0.52
N TYR B 62 -9.86 -1.02 0.40
CA TYR B 62 -10.11 0.39 0.61
C TYR B 62 -9.74 0.73 2.02
N THR B 63 -9.07 1.85 2.19
CA THR B 63 -8.69 2.24 3.52
C THR B 63 -8.79 3.76 3.67
N SER B 64 -8.60 4.27 4.87
CA SER B 64 -8.57 5.70 5.08
C SER B 64 -7.15 6.16 4.85
N VAL B 65 -6.88 7.41 5.25
CA VAL B 65 -5.53 7.98 5.13
C VAL B 65 -4.83 7.97 6.49
N LEU B 66 -5.45 7.28 7.46
CA LEU B 66 -4.94 7.24 8.81
C LEU B 66 -4.18 5.93 9.01
N LYS B 67 -2.94 6.06 9.45
CA LYS B 67 -2.05 4.94 9.51
C LYS B 67 -2.52 3.76 10.37
N ARG B 68 -3.42 3.96 11.31
CA ARG B 68 -3.81 2.82 12.17
C ARG B 68 -4.65 1.83 11.36
N ALA B 69 -5.43 2.37 10.44
CA ALA B 69 -6.19 1.58 9.50
C ALA B 69 -5.28 1.00 8.39
N ILE B 70 -4.46 1.85 7.79
CA ILE B 70 -3.56 1.39 6.71
C ILE B 70 -2.60 0.32 7.24
N ARG B 71 -2.05 0.55 8.42
CA ARG B 71 -1.13 -0.43 8.98
C ARG B 71 -1.84 -1.74 9.26
N THR B 72 -3.11 -1.63 9.64
CA THR B 72 -3.93 -2.84 9.85
C THR B 72 -4.07 -3.56 8.53
N LEU B 73 -4.55 -2.84 7.52
CA LEU B 73 -4.53 -3.37 6.16
C LEU B 73 -3.17 -4.01 5.82
N TRP B 74 -2.07 -3.28 5.99
CA TRP B 74 -0.72 -3.88 5.74
C TRP B 74 -0.54 -5.25 6.34
N HIS B 75 -0.87 -5.38 7.62
CA HIS B 75 -0.75 -6.65 8.32
C HIS B 75 -1.66 -7.72 7.71
N VAL B 76 -2.90 -7.32 7.39
CA VAL B 76 -3.79 -8.22 6.67
C VAL B 76 -3.18 -8.68 5.34
N GLN B 77 -2.74 -7.72 4.52
CA GLN B 77 -2.04 -8.02 3.27
C GLN B 77 -0.83 -8.91 3.47
N ASP B 78 -0.01 -8.56 4.45
CA ASP B 78 1.21 -9.31 4.75
C ASP B 78 0.86 -10.76 5.05
N GLN B 79 -0.07 -10.97 5.98
CA GLN B 79 -0.50 -12.32 6.33
C GLN B 79 -1.17 -13.09 5.18
N MET B 80 -1.92 -12.39 4.34
CA MET B 80 -2.68 -13.08 3.31
C MET B 80 -1.89 -13.27 2.04
N ASP B 81 -0.66 -12.78 2.02
CA ASP B 81 0.16 -12.71 0.82
C ASP B 81 -0.56 -11.94 -0.25
N LEU B 82 -1.05 -10.75 0.09
CA LEU B 82 -1.76 -9.92 -0.90
C LEU B 82 -1.22 -8.51 -0.90
N MET B 83 0.10 -8.36 -0.73
CA MET B 83 0.68 -7.01 -0.61
C MET B 83 0.66 -6.22 -1.92
N TYR B 84 0.28 -6.91 -2.99
CA TYR B 84 0.43 -6.37 -4.34
C TYR B 84 -0.89 -5.81 -4.84
N VAL B 85 -1.99 -6.04 -4.12
CA VAL B 85 -3.30 -5.61 -4.61
C VAL B 85 -3.45 -4.10 -4.55
N PRO B 86 -4.25 -3.52 -5.47
CA PRO B 86 -4.44 -2.08 -5.38
C PRO B 86 -5.15 -1.73 -4.09
N VAL B 87 -4.70 -0.64 -3.48
CA VAL B 87 -5.31 -0.18 -2.28
C VAL B 87 -5.72 1.24 -2.56
N VAL B 88 -6.97 1.58 -2.24
CA VAL B 88 -7.46 2.94 -2.40
C VAL B 88 -7.48 3.48 -0.98
N HIS B 89 -6.74 4.56 -0.75
CA HIS B 89 -6.67 5.21 0.55
C HIS B 89 -7.58 6.43 0.44
N SER B 90 -8.67 6.46 1.18
CA SER B 90 -9.57 7.59 1.07
C SER B 90 -9.83 8.30 2.40
N TRP B 91 -9.67 9.61 2.37
CA TRP B 91 -10.06 10.44 3.47
C TRP B 91 -11.55 10.20 3.76
N ARG B 92 -12.34 9.86 2.74
CA ARG B 92 -13.75 9.50 3.00
C ARG B 92 -13.93 8.34 3.97
N LEU B 93 -12.90 7.52 4.13
CA LEU B 93 -13.01 6.42 5.07
C LEU B 93 -12.48 6.76 6.46
N ASN B 94 -11.91 7.94 6.61
CA ASN B 94 -11.47 8.44 7.89
C ASN B 94 -12.47 8.21 8.99
N GLU B 95 -11.93 7.97 10.17
CA GLU B 95 -12.71 7.96 11.36
C GLU B 95 -13.49 9.26 11.46
N ARG B 96 -14.63 9.17 12.14
CA ARG B 96 -15.40 10.34 12.44
C ARG B 96 -14.49 11.38 13.11
N HIS B 97 -14.58 12.61 12.66
CA HIS B 97 -13.77 13.69 13.22
C HIS B 97 -14.28 14.10 14.59
N TYR B 98 -13.40 14.10 15.59
CA TYR B 98 -13.82 14.37 16.98
C TYR B 98 -13.67 15.80 17.48
N GLY B 99 -13.36 16.72 16.58
CA GLY B 99 -13.27 18.11 16.91
C GLY B 99 -12.39 18.29 18.13
N ALA B 100 -12.84 19.13 19.06
CA ALA B 100 -12.02 19.58 20.19
C ALA B 100 -11.90 18.53 21.26
N LEU B 101 -12.60 17.41 21.08
CA LEU B 101 -12.40 16.28 21.97
C LEU B 101 -11.21 15.41 21.54
N SER B 102 -10.76 15.52 20.29
CA SER B 102 -9.64 14.69 19.84
C SER B 102 -8.47 14.84 20.81
N GLY B 103 -8.03 13.74 21.40
CA GLY B 103 -6.87 13.80 22.25
C GLY B 103 -7.26 13.72 23.70
N LEU B 104 -8.50 14.08 24.00
CA LEU B 104 -8.95 14.11 25.37
C LEU B 104 -9.20 12.67 25.85
N ASN B 105 -8.90 12.40 27.13
CA ASN B 105 -9.25 11.14 27.73
C ASN B 105 -10.77 11.10 27.96
N LYS B 106 -11.39 10.06 27.44
CA LYS B 106 -12.84 9.85 27.59
C LYS B 106 -13.31 9.74 29.06
N ALA B 107 -12.54 9.09 29.92
CA ALA B 107 -12.94 8.99 31.32
C ALA B 107 -12.88 10.35 32.00
N GLU B 108 -11.79 11.09 31.75
CA GLU B 108 -11.62 12.44 32.27
C GLU B 108 -12.66 13.43 31.76
N THR B 109 -13.00 13.32 30.48
CA THR B 109 -14.03 14.12 29.85
C THR B 109 -15.42 13.84 30.45
N ALA B 110 -15.75 12.56 30.68
CA ALA B 110 -17.04 12.18 31.27
C ALA B 110 -17.14 12.56 32.76
N ALA B 111 -16.05 12.43 33.49
CA ALA B 111 -15.92 12.98 34.83
C ALA B 111 -16.18 14.50 34.87
N LYS B 112 -15.74 15.22 33.84
CA LYS B 112 -15.85 16.68 33.84
C LYS B 112 -17.19 17.16 33.30
N TYR B 113 -17.69 16.55 32.22
CA TYR B 113 -18.89 17.05 31.54
C TYR B 113 -20.10 16.14 31.75
N GLY B 114 -19.91 15.09 32.53
CA GLY B 114 -20.95 14.10 32.77
C GLY B 114 -20.89 13.00 31.73
N ASP B 115 -21.31 11.81 32.11
CA ASP B 115 -21.35 10.66 31.20
C ASP B 115 -22.35 10.91 30.10
N GLU B 116 -23.44 11.59 30.42
CA GLU B 116 -24.47 11.79 29.45
C GLU B 116 -24.00 12.64 28.29
N GLN B 117 -23.52 13.84 28.60
CA GLN B 117 -22.90 14.69 27.61
C GLN B 117 -21.97 13.88 26.72
N VAL B 118 -21.01 13.20 27.33
CA VAL B 118 -20.02 12.40 26.61
C VAL B 118 -20.67 11.37 25.68
N LEU B 119 -21.64 10.63 26.21
CA LEU B 119 -22.43 9.72 25.40
C LEU B 119 -23.12 10.39 24.22
N VAL B 120 -23.55 11.64 24.39
CA VAL B 120 -24.16 12.38 23.29
C VAL B 120 -23.06 12.64 22.26
N TRP B 121 -21.93 13.17 22.74
CA TRP B 121 -20.80 13.50 21.89
C TRP B 121 -20.29 12.28 21.15
N ARG B 122 -20.36 11.12 21.80
CA ARG B 122 -19.83 9.91 21.19
C ARG B 122 -20.80 9.28 20.19
N ARG B 123 -22.08 9.21 20.56
CA ARG B 123 -23.08 8.43 19.82
C ARG B 123 -24.31 9.17 19.30
N SER B 124 -24.37 10.48 19.49
CA SER B 124 -25.45 11.24 18.88
C SER B 124 -25.30 11.20 17.36
N TYR B 125 -26.35 10.76 16.68
CA TYR B 125 -26.31 10.68 15.24
C TYR B 125 -26.09 12.04 14.62
N ASP B 126 -26.75 13.05 15.19
CA ASP B 126 -26.88 14.34 14.52
C ASP B 126 -26.18 15.50 15.24
N THR B 127 -25.75 15.27 16.48
CA THR B 127 -25.06 16.36 17.18
C THR B 127 -23.58 16.06 17.40
N PRO B 128 -22.72 16.83 16.74
CA PRO B 128 -21.26 16.63 16.73
C PRO B 128 -20.59 17.09 18.04
N PRO B 129 -19.40 16.54 18.36
CA PRO B 129 -18.64 17.10 19.47
C PRO B 129 -18.34 18.58 19.21
N PRO B 130 -17.84 19.30 20.24
CA PRO B 130 -17.45 20.67 19.93
C PRO B 130 -16.37 20.68 18.86
N ALA B 131 -16.42 21.70 18.02
CA ALA B 131 -15.55 21.85 16.87
C ALA B 131 -14.19 22.33 17.26
N LEU B 132 -13.20 21.94 16.46
CA LEU B 132 -11.89 22.60 16.47
C LEU B 132 -12.05 24.03 16.03
N GLU B 133 -11.28 24.90 16.66
CA GLU B 133 -11.07 26.21 16.10
C GLU B 133 -10.35 26.05 14.75
N PRO B 134 -10.69 26.88 13.76
CA PRO B 134 -10.03 26.79 12.44
C PRO B 134 -8.51 26.89 12.55
N GLY B 135 -8.01 27.48 13.62
CA GLY B 135 -6.58 27.69 13.75
C GLY B 135 -5.90 26.65 14.60
N ASP B 136 -6.62 25.61 14.99
CA ASP B 136 -6.04 24.57 15.82
C ASP B 136 -4.97 23.84 15.02
N GLU B 137 -3.84 23.52 15.64
CA GLU B 137 -2.77 22.76 14.96
C GLU B 137 -3.39 21.51 14.35
N ARG B 138 -4.31 20.91 15.10
CA ARG B 138 -4.97 19.67 14.73
C ARG B 138 -5.98 19.77 13.57
N ALA B 139 -6.27 20.98 13.07
CA ALA B 139 -7.20 21.16 11.95
C ALA B 139 -6.62 20.54 10.67
N PRO B 140 -7.48 20.20 9.68
CA PRO B 140 -6.89 19.40 8.60
C PRO B 140 -6.35 20.23 7.44
N TYR B 141 -6.53 21.54 7.49
CA TYR B 141 -6.31 22.39 6.32
C TYR B 141 -4.95 22.27 5.66
N ALA B 142 -3.90 22.18 6.47
CA ALA B 142 -2.54 22.20 5.94
C ALA B 142 -1.97 20.79 5.78
N ASP B 143 -2.77 19.77 6.10
CA ASP B 143 -2.38 18.35 5.99
C ASP B 143 -2.38 17.89 4.52
N PRO B 144 -1.22 17.41 4.01
CA PRO B 144 -1.06 16.96 2.61
C PRO B 144 -2.07 15.88 2.24
N ARG B 145 -2.49 15.10 3.22
CA ARG B 145 -3.53 14.08 3.03
C ARG B 145 -4.76 14.68 2.42
N TYR B 146 -5.12 15.88 2.86
CA TYR B 146 -6.36 16.50 2.43
C TYR B 146 -6.13 17.59 1.40
N ALA B 147 -4.89 17.72 0.92
CA ALA B 147 -4.51 18.81 -0.01
C ALA B 147 -5.49 19.02 -1.15
N LYS B 148 -6.11 17.95 -1.63
CA LYS B 148 -7.05 18.04 -2.77
C LYS B 148 -8.51 18.01 -2.34
N VAL B 149 -8.76 17.96 -1.04
CA VAL B 149 -10.13 18.01 -0.53
C VAL B 149 -10.55 19.47 -0.43
N PRO B 150 -11.66 19.83 -1.09
CA PRO B 150 -12.12 21.21 -1.04
C PRO B 150 -12.24 21.64 0.40
N ARG B 151 -11.68 22.80 0.73
CA ARG B 151 -11.58 23.27 2.12
C ARG B 151 -12.89 23.10 2.90
N GLU B 152 -14.01 23.45 2.26
CA GLU B 152 -15.29 23.51 2.95
C GLU B 152 -15.81 22.11 3.18
N GLN B 153 -15.13 21.11 2.65
CA GLN B 153 -15.54 19.72 2.92
C GLN B 153 -14.74 19.02 4.03
N LEU B 154 -13.76 19.75 4.58
CA LEU B 154 -12.91 19.27 5.66
C LEU B 154 -13.53 19.65 6.99
N PRO B 155 -13.82 18.65 7.85
CA PRO B 155 -14.53 18.95 9.09
C PRO B 155 -13.63 19.50 10.21
N LEU B 156 -14.23 20.25 11.12
CA LEU B 156 -13.54 20.64 12.35
C LEU B 156 -14.19 19.84 13.46
N THR B 157 -15.29 19.19 13.12
CA THR B 157 -15.94 18.20 13.98
C THR B 157 -16.91 17.43 13.10
N GLU B 158 -17.36 16.27 13.56
CA GLU B 158 -18.37 15.47 12.87
C GLU B 158 -19.29 14.68 13.85
N CYS B 159 -20.56 14.54 13.49
CA CYS B 159 -21.37 13.52 14.12
C CYS B 159 -21.48 12.39 13.10
N LEU B 160 -22.05 11.27 13.52
CA LEU B 160 -22.10 10.11 12.65
C LEU B 160 -22.74 10.44 11.31
N LYS B 161 -23.78 11.26 11.38
CA LYS B 161 -24.51 11.71 10.21
C LYS B 161 -23.62 12.35 9.13
N ASP B 162 -22.73 13.26 9.54
CA ASP B 162 -21.69 13.79 8.65
C ASP B 162 -20.83 12.66 8.08
N THR B 163 -20.51 11.68 8.95
CA THR B 163 -19.64 10.59 8.57
C THR B 163 -20.29 9.79 7.45
N VAL B 164 -21.56 9.43 7.66
CA VAL B 164 -22.34 8.82 6.60
C VAL B 164 -22.31 9.67 5.31
N ALA B 165 -22.58 10.99 5.42
CA ALA B 165 -22.55 11.85 4.22
C ALA B 165 -21.19 11.77 3.51
N ARG B 166 -20.11 11.63 4.27
CA ARG B 166 -18.76 11.69 3.73
C ARG B 166 -18.37 10.34 3.09
N VAL B 167 -18.82 9.25 3.70
CA VAL B 167 -18.47 7.91 3.23
C VAL B 167 -19.22 7.59 1.92
N LEU B 168 -20.50 7.97 1.86
CA LEU B 168 -21.32 7.54 0.73
C LEU B 168 -20.74 7.77 -0.67
N PRO B 169 -20.18 8.97 -0.96
CA PRO B 169 -19.63 9.09 -2.31
C PRO B 169 -18.56 8.04 -2.65
N LEU B 170 -17.75 7.60 -1.68
CA LEU B 170 -16.72 6.59 -1.93
C LEU B 170 -17.38 5.25 -2.23
N TRP B 171 -18.42 4.93 -1.47
CA TRP B 171 -19.20 3.71 -1.71
C TRP B 171 -19.82 3.74 -3.12
N ASN B 172 -20.61 4.78 -3.39
CA ASN B 172 -21.33 4.86 -4.67
C ASN B 172 -20.41 4.91 -5.86
N GLU B 173 -19.33 5.67 -5.73
CA GLU B 173 -18.50 5.96 -6.87
C GLU B 173 -17.43 4.90 -7.08
N SER B 174 -17.00 4.26 -6.01
CA SER B 174 -15.85 3.37 -6.13
C SER B 174 -16.13 1.95 -5.58
N ILE B 175 -16.48 1.82 -4.30
CA ILE B 175 -16.61 0.48 -3.72
C ILE B 175 -17.73 -0.33 -4.39
N ALA B 176 -18.94 0.20 -4.48
CA ALA B 176 -20.05 -0.52 -5.09
C ALA B 176 -19.77 -0.98 -6.53
N PRO B 177 -19.25 -0.07 -7.38
CA PRO B 177 -18.87 -0.52 -8.70
C PRO B 177 -17.80 -1.62 -8.68
N ALA B 178 -16.82 -1.50 -7.78
CA ALA B 178 -15.82 -2.53 -7.62
C ALA B 178 -16.49 -3.87 -7.26
N VAL B 179 -17.40 -3.86 -6.29
CA VAL B 179 -18.12 -5.08 -5.91
C VAL B 179 -18.90 -5.68 -7.08
N LYS B 180 -19.67 -4.86 -7.80
CA LYS B 180 -20.45 -5.34 -8.93
C LYS B 180 -19.51 -5.80 -10.05
N ALA B 181 -18.37 -5.14 -10.20
CA ALA B 181 -17.40 -5.60 -11.17
C ALA B 181 -16.93 -6.99 -10.77
N GLY B 182 -17.27 -7.43 -9.56
CA GLY B 182 -16.85 -8.76 -9.09
C GLY B 182 -15.50 -8.73 -8.39
N LYS B 183 -15.02 -7.52 -8.06
CA LYS B 183 -13.83 -7.41 -7.25
C LYS B 183 -14.13 -7.86 -5.83
N GLN B 184 -13.21 -8.61 -5.24
CA GLN B 184 -13.34 -9.00 -3.85
C GLN B 184 -12.72 -7.94 -2.95
N VAL B 185 -13.59 -7.18 -2.27
CA VAL B 185 -13.18 -5.99 -1.59
C VAL B 185 -12.92 -6.22 -0.10
N LEU B 186 -11.83 -5.65 0.40
CA LEU B 186 -11.63 -5.46 1.82
C LEU B 186 -11.70 -3.96 2.07
N ILE B 187 -12.43 -3.56 3.12
CA ILE B 187 -12.41 -2.19 3.60
C ILE B 187 -11.82 -2.25 4.99
N ALA B 188 -10.65 -1.63 5.17
CA ALA B 188 -10.03 -1.52 6.47
C ALA B 188 -10.23 -0.07 6.99
N ALA B 189 -11.06 0.13 8.00
CA ALA B 189 -11.41 1.50 8.36
C ALA B 189 -11.53 1.69 9.85
N HIS B 190 -12.50 2.48 10.29
CA HIS B 190 -12.51 2.94 11.67
C HIS B 190 -13.86 2.70 12.35
N GLY B 191 -13.84 2.78 13.68
CA GLY B 191 -15.03 2.51 14.50
C GLY B 191 -16.25 3.17 13.92
N ASN B 192 -16.19 4.48 13.80
CA ASN B 192 -17.37 5.21 13.44
C ASN B 192 -17.61 5.36 11.94
N SER B 193 -16.55 5.34 11.14
CA SER B 193 -16.73 5.27 9.68
C SER B 193 -17.30 3.92 9.25
N LEU B 194 -16.97 2.84 9.98
CA LEU B 194 -17.58 1.54 9.67
C LEU B 194 -19.02 1.46 10.14
N ARG B 195 -19.32 2.10 11.26
CA ARG B 195 -20.69 2.29 11.73
C ARG B 195 -21.50 3.04 10.69
N ALA B 196 -20.89 4.08 10.13
CA ALA B 196 -21.50 4.92 9.12
C ALA B 196 -21.85 4.11 7.90
N LEU B 197 -20.83 3.51 7.26
CA LEU B 197 -21.08 2.60 6.15
C LEU B 197 -22.10 1.50 6.48
N ILE B 198 -21.98 0.87 7.64
CA ILE B 198 -22.88 -0.24 8.00
C ILE B 198 -24.31 0.27 8.19
N LYS B 199 -24.44 1.53 8.65
CA LYS B 199 -25.74 2.14 8.81
C LYS B 199 -26.42 2.26 7.45
N TYR B 200 -25.66 2.72 6.47
CA TYR B 200 -26.15 2.79 5.14
C TYR B 200 -26.51 1.39 4.61
N LEU B 201 -25.55 0.46 4.67
CA LEU B 201 -25.69 -0.86 4.06
C LEU B 201 -26.83 -1.65 4.65
N ASP B 202 -26.91 -1.69 5.98
CA ASP B 202 -27.99 -2.42 6.63
C ASP B 202 -29.27 -1.60 6.81
N GLY B 203 -29.33 -0.41 6.21
CA GLY B 203 -30.50 0.47 6.36
C GLY B 203 -30.91 0.62 7.82
N ILE B 204 -29.92 0.90 8.66
CA ILE B 204 -30.13 1.05 10.08
C ILE B 204 -30.66 2.46 10.40
N SER B 205 -31.68 2.52 11.24
CA SER B 205 -32.29 3.81 11.62
C SER B 205 -31.33 4.61 12.47
N ASP B 206 -31.58 5.92 12.50
CA ASP B 206 -30.82 6.86 13.32
C ASP B 206 -30.72 6.46 14.77
N ALA B 207 -31.75 5.82 15.29
CA ALA B 207 -31.71 5.43 16.71
C ALA B 207 -31.03 4.11 16.88
N ASP B 208 -31.19 3.24 15.89
CA ASP B 208 -30.66 1.88 16.00
C ASP B 208 -29.18 1.76 15.84
N ILE B 209 -28.56 2.73 15.19
CA ILE B 209 -27.13 2.66 14.99
C ILE B 209 -26.41 2.99 16.30
N VAL B 210 -27.06 3.81 17.13
CA VAL B 210 -26.44 4.39 18.33
C VAL B 210 -25.68 3.37 19.15
N GLY B 211 -26.23 2.15 19.21
CA GLY B 211 -25.66 1.06 20.00
C GLY B 211 -24.67 0.15 19.31
N LEU B 212 -24.48 0.30 17.99
CA LEU B 212 -23.51 -0.54 17.28
C LEU B 212 -22.05 -0.20 17.59
N ASN B 213 -21.30 -1.21 18.02
CA ASN B 213 -19.87 -1.08 18.22
C ASN B 213 -19.15 -2.20 17.50
N ILE B 214 -18.00 -1.88 16.90
CA ILE B 214 -17.29 -2.84 16.08
C ILE B 214 -15.96 -3.03 16.76
N PRO B 215 -15.63 -4.27 17.10
CA PRO B 215 -14.34 -4.43 17.80
C PRO B 215 -13.17 -4.16 16.87
N ASN B 216 -12.03 -3.80 17.44
CA ASN B 216 -10.80 -3.70 16.70
C ASN B 216 -10.41 -5.03 16.06
N GLY B 217 -10.09 -5.01 14.78
CA GLY B 217 -9.36 -6.13 14.17
C GLY B 217 -10.12 -7.43 13.94
N VAL B 218 -11.44 -7.35 13.86
CA VAL B 218 -12.22 -8.53 13.65
C VAL B 218 -12.90 -8.34 12.32
N PRO B 219 -12.60 -9.26 11.36
CA PRO B 219 -13.19 -9.19 10.02
C PRO B 219 -14.70 -9.33 10.14
N LEU B 220 -15.43 -8.36 9.60
CA LEU B 220 -16.85 -8.41 9.61
C LEU B 220 -17.23 -8.71 8.17
N VAL B 221 -17.86 -9.86 7.95
CA VAL B 221 -18.20 -10.28 6.58
C VAL B 221 -19.64 -9.90 6.24
N TYR B 222 -19.81 -9.20 5.11
CA TYR B 222 -21.14 -8.93 4.59
C TYR B 222 -21.35 -9.78 3.36
N GLU B 223 -22.48 -10.48 3.32
CA GLU B 223 -22.94 -11.10 2.08
C GLU B 223 -23.97 -10.19 1.48
N LEU B 224 -23.75 -9.84 0.21
CA LEU B 224 -24.59 -8.88 -0.47
C LEU B 224 -25.23 -9.56 -1.67
N ASP B 225 -26.50 -9.24 -1.95
CA ASP B 225 -27.13 -9.78 -3.15
C ASP B 225 -26.73 -8.92 -4.34
N GLU B 226 -27.32 -9.21 -5.50
CA GLU B 226 -26.93 -8.54 -6.75
C GLU B 226 -27.16 -7.02 -6.75
N SER B 227 -28.04 -6.54 -5.88
CA SER B 227 -28.31 -5.11 -5.77
C SER B 227 -27.49 -4.54 -4.60
N LEU B 228 -26.63 -5.39 -4.03
CA LEU B 228 -25.77 -5.04 -2.90
C LEU B 228 -26.57 -4.79 -1.64
N THR B 229 -27.77 -5.37 -1.60
CA THR B 229 -28.51 -5.37 -0.35
C THR B 229 -27.97 -6.52 0.47
N PRO B 230 -27.51 -6.21 1.68
CA PRO B 230 -27.06 -7.21 2.64
C PRO B 230 -28.03 -8.38 2.79
N ILE B 231 -27.48 -9.59 2.80
CA ILE B 231 -28.22 -10.81 2.98
C ILE B 231 -28.06 -11.19 4.43
N ARG B 232 -26.82 -11.20 4.89
CA ARG B 232 -26.48 -11.41 6.26
C ARG B 232 -25.09 -10.86 6.46
N HIS B 233 -24.64 -10.88 7.70
CA HIS B 233 -23.29 -10.51 8.01
C HIS B 233 -22.85 -11.31 9.22
N TYR B 234 -21.55 -11.40 9.45
CA TYR B 234 -21.02 -12.18 10.56
C TYR B 234 -19.55 -11.82 10.76
N TYR B 235 -19.09 -11.87 12.00
CA TYR B 235 -17.66 -11.73 12.27
C TYR B 235 -16.98 -13.05 11.99
N LEU B 236 -15.75 -12.99 11.52
CA LEU B 236 -14.95 -14.21 11.41
C LEU B 236 -14.21 -14.51 12.71
N GLY B 237 -13.88 -15.79 12.91
CA GLY B 237 -13.08 -16.21 14.06
C GLY B 237 -13.90 -16.40 15.32
C3 DG2 C . 18.19 -9.79 -8.01
C4 DG2 C . 19.21 -9.35 -9.07
O2 DG2 C . 17.07 -8.83 -7.89
O5 DG2 C . 20.34 -10.25 -9.08
O7 DG2 C . 16.92 -11.37 -9.35
O8 DG2 C . 18.35 -12.16 -7.86
O9 DG2 C . 15.00 -8.16 -6.76
O10 DG2 C . 17.08 -8.76 -5.43
O11 DG2 C . 16.99 -6.62 -6.78
P1 DG2 C . 16.49 -8.03 -6.60
C7 DG2 C . 17.77 -11.19 -8.44
P6 DG2 C . 21.53 -10.09 -10.16
O15 DG2 C . 20.93 -10.25 -11.53
O14 DG2 C . 22.54 -11.14 -9.79
O13 DG2 C . 22.04 -8.68 -9.97
C1 PEG D . 24.22 4.93 -13.20
O1 PEG D . 23.54 5.62 -14.25
C2 PEG D . 23.42 5.05 -11.91
O2 PEG D . 24.31 4.90 -10.79
C3 PEG D . 24.47 6.09 -10.00
C4 PEG D . 25.72 6.88 -10.36
O4 PEG D . 26.04 7.85 -9.35
C1 3PG E . -12.03 7.36 18.42
O1 3PG E . -12.01 7.98 17.31
O2 3PG E . -11.54 7.81 19.48
C2 3PG E . -12.65 6.01 18.54
O3 3PG E . -13.74 5.85 17.63
C3 3PG E . -13.29 5.96 19.90
O1P 3PG E . -14.54 5.30 19.73
P 3PG E . -15.87 5.97 20.24
O2P 3PG E . -16.16 7.11 19.29
O3P 3PG E . -15.53 6.41 21.65
O4P 3PG E . -16.88 4.84 20.20
C1 PEG F . -22.66 -8.10 14.49
O1 PEG F . -23.28 -9.09 13.64
C2 PEG F . -22.14 -6.89 13.71
O2 PEG F . -23.12 -6.43 12.78
C3 PEG F . -23.77 -5.22 13.19
C4 PEG F . -24.43 -4.55 12.01
O4 PEG F . -25.82 -4.40 12.32
#